data_3WG1
#
_entry.id   3WG1
#
_cell.length_a   125.368
_cell.length_b   125.368
_cell.length_c   56.589
_cell.angle_alpha   90.000
_cell.angle_beta   90.000
_cell.angle_gamma   120.000
#
_symmetry.space_group_name_H-M   'P 61'
#
loop_
_entity.id
_entity.type
_entity.pdbx_description
1 polymer 'Galactoside-binding lectin'
2 branched beta-D-galactopyranose-(1-4)-beta-D-glucopyranose
3 water water
#
_entity_poly.entity_id   1
_entity_poly.type   'polypeptide(L)'
_entity_poly.pdbx_seq_one_letter_code
;MDYKDDDDKHMTTSAVNIYNISAGASVDLAAPVTTGDIVTFFSSALNLSAGAGSPNNTALNLLSENGAYLLHIAFRLQEN
VIVFNSRQPNAPWLVEQRVSNVANQFIGSGGKAMVTVFDHGDKYQVVINEKTVIQYTKQISGTTSSLSYNSTEGTSIFST
VVEAVTYTGLAKLAAALE
;
_entity_poly.pdbx_strand_id   A,B
#
# COMPACT_ATOMS: atom_id res chain seq x y z
N THR A 12 18.72 8.45 -5.72
CA THR A 12 17.72 8.22 -4.61
C THR A 12 16.44 7.47 -5.08
N THR A 13 16.41 6.15 -4.85
CA THR A 13 15.38 5.25 -5.39
C THR A 13 14.89 4.10 -4.43
N SER A 14 13.66 4.19 -3.96
CA SER A 14 13.01 3.08 -3.25
C SER A 14 12.33 2.16 -4.30
N ALA A 15 11.79 1.02 -3.86
CA ALA A 15 11.09 0.06 -4.76
C ALA A 15 9.70 -0.32 -4.25
N VAL A 16 8.81 -0.69 -5.17
CA VAL A 16 7.54 -1.36 -4.84
C VAL A 16 7.51 -2.76 -5.43
N ASN A 17 7.10 -3.74 -4.65
CA ASN A 17 6.97 -5.15 -5.09
C ASN A 17 5.60 -5.73 -4.72
N ILE A 18 5.00 -6.51 -5.61
CA ILE A 18 3.60 -6.92 -5.44
C ILE A 18 3.42 -8.41 -5.62
N TYR A 19 2.89 -9.06 -4.59
CA TYR A 19 2.83 -10.50 -4.58
C TYR A 19 1.40 -10.91 -4.33
N ASN A 20 0.88 -11.87 -5.10
CA ASN A 20 -0.37 -12.50 -4.65
C ASN A 20 0.01 -13.69 -3.84
N ILE A 21 -0.65 -13.87 -2.69
CA ILE A 21 -0.43 -15.06 -1.84
C ILE A 21 -1.75 -15.77 -1.60
N SER A 22 -1.81 -17.02 -2.05
CA SER A 22 -2.97 -17.88 -1.86
C SER A 22 -2.86 -18.46 -0.46
N ALA A 23 -4.00 -18.78 0.15
CA ALA A 23 -4.05 -19.32 1.52
C ALA A 23 -3.33 -20.66 1.51
N GLY A 24 -2.27 -20.80 2.32
CA GLY A 24 -1.44 -22.01 2.33
C GLY A 24 -0.12 -21.86 1.61
N ALA A 25 0.06 -20.73 0.95
CA ALA A 25 1.22 -20.57 0.11
C ALA A 25 2.21 -19.62 0.75
N SER A 26 3.46 -19.77 0.33
CA SER A 26 4.50 -18.85 0.69
C SER A 26 4.98 -18.11 -0.56
N VAL A 27 5.81 -17.06 -0.38
CA VAL A 27 6.44 -16.31 -1.49
C VAL A 27 7.86 -15.88 -1.08
N ASP A 28 8.88 -16.16 -1.88
CA ASP A 28 10.18 -15.53 -1.63
C ASP A 28 10.11 -14.11 -2.15
N LEU A 29 10.72 -13.18 -1.43
CA LEU A 29 10.68 -11.76 -1.83
C LEU A 29 11.78 -11.38 -2.84
N ALA A 30 11.37 -10.76 -3.97
CA ALA A 30 12.28 -10.26 -4.99
C ALA A 30 13.27 -9.26 -4.37
N ALA A 31 12.80 -8.48 -3.41
CA ALA A 31 13.63 -7.54 -2.64
C ALA A 31 13.43 -7.85 -1.14
N PRO A 32 14.44 -7.52 -0.28
CA PRO A 32 14.27 -7.86 1.15
C PRO A 32 13.68 -6.74 2.02
N VAL A 33 12.91 -7.15 3.03
CA VAL A 33 12.38 -6.22 4.01
C VAL A 33 13.34 -6.18 5.20
N THR A 34 13.90 -4.99 5.41
CA THR A 34 14.80 -4.67 6.53
C THR A 34 14.33 -3.36 7.19
N THR A 35 14.99 -2.93 8.27
CA THR A 35 14.66 -1.67 8.98
C THR A 35 14.38 -0.48 8.07
N GLY A 36 13.28 0.20 8.33
CA GLY A 36 12.88 1.35 7.52
C GLY A 36 11.80 1.01 6.50
N ASP A 37 11.63 -0.28 6.25
CA ASP A 37 10.74 -0.81 5.19
C ASP A 37 9.28 -1.13 5.66
N ILE A 38 8.37 -1.23 4.69
CA ILE A 38 6.95 -1.54 4.96
C ILE A 38 6.45 -2.76 4.18
N VAL A 39 5.68 -3.65 4.83
CA VAL A 39 4.85 -4.64 4.09
C VAL A 39 3.38 -4.65 4.49
N THR A 40 2.51 -4.43 3.50
CA THR A 40 1.06 -4.46 3.75
C THR A 40 0.43 -5.67 3.05
N PHE A 41 -0.36 -6.43 3.81
CA PHE A 41 -1.25 -7.48 3.30
C PHE A 41 -2.67 -6.98 3.10
N PHE A 42 -3.16 -7.02 1.85
CA PHE A 42 -4.52 -6.58 1.57
C PHE A 42 -5.39 -7.79 1.37
N SER A 43 -6.56 -7.79 1.99
CA SER A 43 -7.62 -8.82 1.79
C SER A 43 -8.84 -8.13 1.20
N SER A 44 -9.49 -8.76 0.21
CA SER A 44 -10.69 -8.17 -0.42
C SER A 44 -11.97 -8.63 0.26
N ALA A 45 -11.86 -9.31 1.40
CA ALA A 45 -13.07 -9.79 2.10
C ALA A 45 -12.77 -9.74 3.58
N LEU A 46 -13.83 -9.68 4.38
CA LEU A 46 -13.69 -9.75 5.83
C LEU A 46 -14.86 -10.53 6.39
N ASN A 47 -14.51 -11.60 7.08
CA ASN A 47 -15.45 -12.58 7.60
C ASN A 47 -15.17 -12.70 9.11
N LEU A 48 -15.69 -11.80 9.93
CA LEU A 48 -15.44 -11.88 11.37
C LEU A 48 -16.53 -12.68 12.09
N SER A 49 -17.44 -13.27 11.31
CA SER A 49 -18.46 -14.21 11.80
C SER A 49 -18.12 -15.57 11.26
N ALA A 50 -16.83 -15.82 10.96
CA ALA A 50 -16.43 -16.94 10.09
C ALA A 50 -16.49 -18.30 10.74
N GLY A 51 -16.49 -18.33 12.05
CA GLY A 51 -16.48 -19.62 12.72
C GLY A 51 -15.25 -19.86 13.53
N ALA A 52 -14.73 -21.09 13.44
CA ALA A 52 -13.72 -21.59 14.33
C ALA A 52 -12.45 -22.02 13.58
N GLY A 53 -11.34 -21.39 13.96
CA GLY A 53 -10.02 -21.80 13.53
C GLY A 53 -9.59 -22.91 14.43
N SER A 54 -8.60 -23.69 13.97
CA SER A 54 -8.06 -24.81 14.80
C SER A 54 -6.54 -24.80 14.91
N PRO A 55 -5.96 -23.79 15.59
CA PRO A 55 -6.69 -22.73 16.29
C PRO A 55 -6.86 -21.42 15.49
N ASN A 56 -6.14 -21.31 14.36
CA ASN A 56 -5.98 -20.06 13.61
C ASN A 56 -6.88 -19.97 12.39
N ASN A 57 -7.78 -19.00 12.42
CA ASN A 57 -8.60 -18.67 11.27
C ASN A 57 -7.73 -18.30 10.08
N THR A 58 -6.66 -17.58 10.37
CA THR A 58 -5.79 -16.91 9.40
C THR A 58 -4.53 -16.65 10.15
N ALA A 59 -3.40 -16.85 9.49
CA ALA A 59 -2.15 -16.43 10.04
C ALA A 59 -1.40 -15.78 8.89
N LEU A 60 -0.73 -14.67 9.16
CA LEU A 60 0.17 -14.03 8.21
C LEU A 60 1.52 -14.09 8.86
N ASN A 61 2.56 -14.34 8.05
CA ASN A 61 3.87 -14.63 8.55
C ASN A 61 4.95 -13.92 7.79
N LEU A 62 5.90 -13.33 8.52
CA LEU A 62 7.14 -12.86 7.93
C LEU A 62 8.19 -13.94 8.24
N LEU A 63 8.82 -14.49 7.19
CA LEU A 63 9.89 -15.48 7.39
C LEU A 63 11.28 -15.06 6.89
N SER A 64 12.31 -15.31 7.71
CA SER A 64 13.70 -15.04 7.31
C SER A 64 14.24 -16.09 6.31
N GLU A 65 15.47 -15.88 5.85
CA GLU A 65 16.17 -16.68 4.83
C GLU A 65 16.09 -18.22 5.00
N ASN A 66 16.21 -18.68 6.25
CA ASN A 66 16.22 -20.13 6.59
C ASN A 66 14.86 -20.77 6.99
N GLY A 67 13.78 -20.00 6.94
CA GLY A 67 12.44 -20.57 7.19
C GLY A 67 11.97 -20.42 8.63
N ALA A 68 12.67 -19.54 9.35
CA ALA A 68 12.31 -19.07 10.68
C ALA A 68 11.20 -18.01 10.60
N TYR A 69 10.43 -17.85 11.68
CA TYR A 69 9.38 -16.83 11.78
C TYR A 69 9.86 -15.63 12.56
N LEU A 70 10.10 -14.53 11.87
CA LEU A 70 10.37 -13.29 12.57
C LEU A 70 9.02 -12.80 13.17
N LEU A 71 7.93 -12.96 12.42
CA LEU A 71 6.60 -12.54 12.91
C LEU A 71 5.50 -13.47 12.41
N HIS A 72 4.62 -13.84 13.33
CA HIS A 72 3.50 -14.71 13.06
C HIS A 72 2.34 -14.00 13.67
N ILE A 73 1.38 -13.64 12.81
CA ILE A 73 0.16 -12.93 13.21
C ILE A 73 -1.05 -13.85 12.99
N ALA A 74 -1.74 -14.22 14.06
CA ALA A 74 -2.76 -15.24 14.00
C ALA A 74 -4.10 -14.81 14.62
N PHE A 75 -5.14 -14.84 13.80
CA PHE A 75 -6.46 -14.36 14.19
C PHE A 75 -7.22 -15.57 14.58
N ARG A 76 -7.73 -15.51 15.81
CA ARG A 76 -8.49 -16.58 16.42
C ARG A 76 -9.85 -16.06 16.91
N LEU A 77 -10.89 -16.36 16.14
CA LEU A 77 -12.21 -15.82 16.45
C LEU A 77 -12.75 -16.49 17.72
N GLN A 78 -12.58 -17.80 17.83
CA GLN A 78 -13.20 -18.53 18.95
C GLN A 78 -12.47 -18.26 20.30
N GLU A 79 -11.18 -17.90 20.22
CA GLU A 79 -10.49 -17.40 21.40
C GLU A 79 -10.60 -15.88 21.54
N ASN A 80 -11.23 -15.21 20.56
CA ASN A 80 -11.27 -13.76 20.50
C ASN A 80 -9.93 -13.03 20.82
N VAL A 81 -8.88 -13.42 20.13
CA VAL A 81 -7.58 -12.78 20.29
CA VAL A 81 -7.56 -12.78 20.29
C VAL A 81 -6.84 -12.67 18.95
N ILE A 82 -5.86 -11.77 18.90
CA ILE A 82 -4.85 -11.78 17.84
C ILE A 82 -3.54 -12.13 18.55
N VAL A 83 -2.85 -13.10 18.00
CA VAL A 83 -1.70 -13.71 18.63
C VAL A 83 -0.47 -13.47 17.82
N PHE A 84 0.52 -12.83 18.46
CA PHE A 84 1.81 -12.58 17.82
C PHE A 84 2.89 -13.43 18.45
N ASN A 85 3.86 -13.82 17.63
CA ASN A 85 4.98 -14.62 18.12
C ASN A 85 6.13 -14.64 17.12
N SER A 86 7.25 -15.22 17.54
CA SER A 86 8.35 -15.50 16.61
C SER A 86 8.84 -16.89 16.96
N ARG A 87 9.62 -17.49 16.09
CA ARG A 87 10.35 -18.69 16.47
C ARG A 87 11.53 -18.92 15.54
N GLN A 88 12.38 -19.86 15.95
CA GLN A 88 13.46 -20.33 15.09
C GLN A 88 12.96 -21.46 14.21
N PRO A 89 13.67 -21.77 13.09
CA PRO A 89 13.29 -22.98 12.34
C PRO A 89 13.44 -24.26 13.22
N ASN A 90 12.48 -25.18 13.09
CA ASN A 90 12.41 -26.41 13.90
C ASN A 90 12.41 -26.27 15.42
N ALA A 91 12.62 -25.05 15.93
CA ALA A 91 12.59 -24.81 17.37
C ALA A 91 11.17 -24.44 17.85
N PRO A 92 10.92 -24.60 19.17
CA PRO A 92 9.64 -24.24 19.74
C PRO A 92 9.16 -22.78 19.53
N TRP A 93 7.86 -22.58 19.48
CA TRP A 93 7.28 -21.25 19.51
C TRP A 93 7.76 -20.49 20.70
N LEU A 94 8.16 -19.24 20.50
CA LEU A 94 8.66 -18.45 21.63
C LEU A 94 7.52 -17.85 22.49
N VAL A 95 7.76 -16.68 23.08
CA VAL A 95 6.86 -16.01 24.04
C VAL A 95 5.71 -15.37 23.25
N GLU A 96 4.47 -15.85 23.44
CA GLU A 96 3.26 -15.29 22.78
C GLU A 96 2.90 -13.94 23.33
N GLN A 97 2.46 -13.06 22.44
CA GLN A 97 1.77 -11.85 22.85
C GLN A 97 0.37 -11.88 22.32
N ARG A 98 -0.55 -11.32 23.07
CA ARG A 98 -1.95 -11.32 22.67
C ARG A 98 -2.58 -9.93 22.77
N VAL A 99 -3.52 -9.67 21.85
CA VAL A 99 -4.45 -8.54 21.93
C VAL A 99 -5.89 -9.09 21.80
N SER A 100 -6.74 -8.78 22.78
CA SER A 100 -8.13 -9.24 22.76
C SER A 100 -9.07 -8.43 21.89
N ASN A 101 -10.28 -8.94 21.76
CA ASN A 101 -11.26 -8.50 20.75
C ASN A 101 -10.69 -8.36 19.35
N VAL A 102 -10.91 -9.37 18.51
CA VAL A 102 -10.49 -9.42 17.11
C VAL A 102 -11.35 -8.48 16.29
N ALA A 103 -12.68 -8.68 16.39
CA ALA A 103 -13.65 -7.95 15.58
C ALA A 103 -13.51 -6.43 15.76
N ASN A 104 -13.14 -6.00 16.96
CA ASN A 104 -12.92 -4.58 17.26
C ASN A 104 -11.81 -3.88 16.49
N GLN A 105 -10.71 -4.59 16.25
CA GLN A 105 -9.54 -3.98 15.60
C GLN A 105 -9.85 -3.72 14.11
N PHE A 106 -10.97 -4.29 13.62
CA PHE A 106 -11.38 -4.24 12.21
C PHE A 106 -12.51 -3.24 11.84
N ILE A 107 -13.13 -2.64 12.85
CA ILE A 107 -14.10 -1.55 12.64
C ILE A 107 -13.35 -0.42 11.90
N GLY A 108 -13.48 -0.45 10.59
CA GLY A 108 -12.95 0.56 9.72
C GLY A 108 -13.72 0.17 8.47
N SER A 109 -13.14 -0.71 7.67
CA SER A 109 -13.83 -1.19 6.48
C SER A 109 -14.59 -2.49 6.78
N GLY A 110 -15.84 -2.63 6.32
CA GLY A 110 -16.46 -3.98 6.27
C GLY A 110 -16.05 -4.60 4.95
N GLY A 111 -16.30 -5.88 4.74
CA GLY A 111 -15.97 -6.46 3.41
C GLY A 111 -14.55 -6.40 2.86
N LYS A 112 -13.62 -5.77 3.57
CA LYS A 112 -12.18 -5.77 3.20
C LYS A 112 -11.26 -5.26 4.35
N ALA A 113 -9.94 -5.46 4.25
CA ALA A 113 -9.06 -5.08 5.35
C ALA A 113 -7.60 -5.05 4.88
N MET A 114 -6.74 -4.41 5.67
CA MET A 114 -5.32 -4.45 5.36
C MET A 114 -4.53 -4.61 6.65
N VAL A 115 -3.39 -5.27 6.55
CA VAL A 115 -2.51 -5.52 7.70
C VAL A 115 -1.12 -5.06 7.28
N THR A 116 -0.62 -4.00 7.93
CA THR A 116 0.70 -3.43 7.64
C THR A 116 1.68 -3.77 8.75
N VAL A 117 2.89 -4.12 8.33
CA VAL A 117 4.00 -4.35 9.26
C VAL A 117 5.15 -3.38 8.91
N PHE A 118 5.38 -2.42 9.83
CA PHE A 118 6.47 -1.47 9.70
C PHE A 118 7.68 -2.06 10.39
N ASP A 119 8.72 -2.39 9.63
CA ASP A 119 9.95 -2.91 10.27
C ASP A 119 10.72 -1.75 10.89
N HIS A 120 10.79 -1.75 12.22
CA HIS A 120 11.43 -0.65 12.93
C HIS A 120 12.80 -1.00 13.48
N GLY A 121 13.29 -2.22 13.16
CA GLY A 121 14.64 -2.66 13.53
C GLY A 121 14.65 -3.56 14.75
N ASP A 122 14.39 -2.93 15.89
CA ASP A 122 14.23 -3.60 17.19
C ASP A 122 12.77 -4.06 17.45
N LYS A 123 11.82 -3.55 16.66
CA LYS A 123 10.41 -3.92 16.82
C LYS A 123 9.72 -4.06 15.46
N TYR A 124 8.48 -4.55 15.50
CA TYR A 124 7.55 -4.42 14.38
C TYR A 124 6.30 -3.74 14.86
N GLN A 125 5.93 -2.66 14.20
CA GLN A 125 4.65 -2.06 14.45
C GLN A 125 3.70 -2.81 13.51
N VAL A 126 2.58 -3.28 14.06
CA VAL A 126 1.56 -3.95 13.25
C VAL A 126 0.32 -3.08 13.27
N VAL A 127 -0.11 -2.64 12.09
CA VAL A 127 -1.27 -1.75 11.96
C VAL A 127 -2.36 -2.41 11.16
N ILE A 128 -3.57 -2.43 11.69
CA ILE A 128 -4.66 -3.05 10.97
C ILE A 128 -5.57 -1.92 10.53
N ASN A 129 -5.73 -1.82 9.22
CA ASN A 129 -6.20 -0.60 8.57
C ASN A 129 -5.43 0.63 9.07
N GLU A 130 -6.12 1.50 9.85
CA GLU A 130 -5.47 2.70 10.36
C GLU A 130 -4.95 2.59 11.84
N LYS A 131 -5.17 1.44 12.49
CA LYS A 131 -5.04 1.34 13.95
C LYS A 131 -3.86 0.43 14.31
N THR A 132 -2.88 0.97 15.06
CA THR A 132 -1.70 0.21 15.50
C THR A 132 -2.08 -0.77 16.59
N VAL A 133 -2.11 -2.06 16.25
CA VAL A 133 -2.60 -3.05 17.18
C VAL A 133 -1.54 -3.63 18.11
N ILE A 134 -0.26 -3.61 17.71
CA ILE A 134 0.90 -3.97 18.58
C ILE A 134 2.22 -3.32 18.16
N GLN A 135 3.06 -2.95 19.13
CA GLN A 135 4.45 -2.59 18.86
C GLN A 135 5.34 -3.73 19.33
N TYR A 136 5.34 -4.81 18.55
CA TYR A 136 5.99 -6.04 18.91
C TYR A 136 7.48 -5.79 19.03
N THR A 137 8.01 -5.93 20.25
CA THR A 137 9.45 -5.96 20.44
C THR A 137 9.92 -7.28 19.83
N LYS A 138 10.96 -7.26 19.02
CA LYS A 138 11.39 -8.49 18.32
C LYS A 138 11.96 -9.52 19.28
N GLN A 139 11.74 -10.79 18.97
CA GLN A 139 12.37 -11.87 19.68
C GLN A 139 13.52 -12.37 18.83
N ILE A 140 13.37 -12.24 17.51
CA ILE A 140 14.45 -12.58 16.57
C ILE A 140 14.74 -11.42 15.61
N SER A 141 16.03 -11.18 15.37
CA SER A 141 16.52 -10.21 14.36
C SER A 141 16.62 -10.86 13.00
N GLY A 142 16.58 -10.04 11.95
CA GLY A 142 16.82 -10.56 10.63
C GLY A 142 15.97 -9.95 9.51
N THR A 143 16.47 -10.19 8.31
CA THR A 143 15.85 -9.81 7.07
C THR A 143 14.71 -10.76 6.72
N THR A 144 13.57 -10.18 6.36
CA THR A 144 12.44 -10.92 5.81
C THR A 144 12.65 -11.26 4.29
N SER A 145 12.47 -12.55 3.96
CA SER A 145 12.81 -13.07 2.61
C SER A 145 11.63 -13.85 2.05
N SER A 146 10.64 -14.00 2.89
CA SER A 146 9.58 -14.93 2.65
C SER A 146 8.40 -14.34 3.42
N LEU A 147 7.21 -14.38 2.82
CA LEU A 147 5.99 -14.05 3.54
C LEU A 147 5.14 -15.24 3.27
N SER A 148 4.22 -15.55 4.18
CA SER A 148 3.28 -16.62 4.00
C SER A 148 1.90 -16.27 4.60
N TYR A 149 0.89 -16.98 4.11
CA TYR A 149 -0.46 -16.82 4.54
C TYR A 149 -1.01 -18.22 4.74
N ASN A 150 -1.52 -18.52 5.96
CA ASN A 150 -2.32 -19.74 6.21
C ASN A 150 -3.72 -19.47 6.68
N SER A 151 -4.58 -20.45 6.46
CA SER A 151 -5.87 -20.46 7.08
C SER A 151 -6.18 -21.88 7.56
N THR A 152 -7.27 -22.02 8.31
CA THR A 152 -7.93 -23.30 8.40
C THR A 152 -9.05 -23.18 7.35
N GLU A 153 -9.24 -24.21 6.52
CA GLU A 153 -10.20 -24.15 5.41
C GLU A 153 -11.65 -23.83 5.87
N GLY A 154 -12.28 -22.83 5.25
CA GLY A 154 -13.70 -22.53 5.54
C GLY A 154 -13.96 -21.50 6.62
N THR A 155 -12.88 -20.98 7.19
CA THR A 155 -12.96 -20.05 8.30
C THR A 155 -11.88 -18.94 8.23
N SER A 156 -11.25 -18.71 7.09
CA SER A 156 -10.38 -17.49 7.02
C SER A 156 -11.21 -16.27 7.30
N ILE A 157 -10.66 -15.32 8.08
CA ILE A 157 -11.31 -14.03 8.14
C ILE A 157 -10.99 -13.20 6.92
N PHE A 158 -10.08 -13.68 6.05
CA PHE A 158 -9.63 -12.94 4.85
C PHE A 158 -9.86 -13.68 3.51
N SER A 159 -9.77 -12.96 2.40
CA SER A 159 -9.96 -13.56 1.07
C SER A 159 -9.04 -14.81 0.89
N THR A 160 -9.33 -15.69 -0.06
CA THR A 160 -8.40 -16.82 -0.33
C THR A 160 -7.07 -16.40 -0.98
N VAL A 161 -7.12 -15.30 -1.70
CA VAL A 161 -5.89 -14.66 -2.12
C VAL A 161 -5.79 -13.34 -1.34
N VAL A 162 -4.60 -13.10 -0.80
CA VAL A 162 -4.20 -11.84 -0.17
C VAL A 162 -3.06 -11.20 -0.97
N GLU A 163 -3.23 -9.94 -1.38
CA GLU A 163 -2.17 -9.21 -2.05
C GLU A 163 -1.23 -8.56 -1.05
N ALA A 164 0.02 -9.01 -1.02
CA ALA A 164 1.05 -8.29 -0.31
C ALA A 164 1.77 -7.31 -1.25
N VAL A 165 1.93 -6.08 -0.77
CA VAL A 165 2.79 -5.07 -1.36
C VAL A 165 3.98 -4.76 -0.41
N THR A 166 5.20 -4.74 -0.93
CA THR A 166 6.36 -4.35 -0.13
C THR A 166 6.95 -3.03 -0.66
N TYR A 167 7.30 -2.13 0.24
CA TYR A 167 7.97 -0.90 -0.08
C TYR A 167 9.36 -1.04 0.54
N THR A 168 10.37 -1.17 -0.32
CA THR A 168 11.75 -1.49 0.11
C THR A 168 12.70 -0.47 -0.52
N GLY A 169 13.98 -0.54 -0.14
CA GLY A 169 14.95 0.48 -0.52
C GLY A 169 14.72 1.72 0.32
N LEU A 170 13.81 1.63 1.29
CA LEU A 170 13.42 2.82 2.09
C LEU A 170 14.60 3.50 2.84
N ALA A 171 15.42 2.73 3.56
CA ALA A 171 16.64 3.29 4.24
C ALA A 171 17.77 3.67 3.26
N THR B 12 9.52 6.39 17.32
CA THR B 12 9.56 5.85 15.90
C THR B 12 8.28 5.04 15.55
N THR B 13 7.13 5.72 15.55
CA THR B 13 5.84 5.11 15.19
C THR B 13 5.23 5.74 13.91
N SER B 14 4.73 4.89 13.02
CA SER B 14 4.24 5.33 11.72
C SER B 14 2.70 5.28 11.69
N ALA B 15 2.12 5.89 10.66
CA ALA B 15 0.68 5.93 10.53
C ALA B 15 0.28 5.44 9.13
N VAL B 16 -0.79 4.66 9.09
CA VAL B 16 -1.45 4.31 7.85
C VAL B 16 -2.77 5.05 7.86
N ASN B 17 -3.01 5.80 6.78
CA ASN B 17 -4.29 6.41 6.54
C ASN B 17 -4.85 5.90 5.24
N ILE B 18 -6.16 5.66 5.23
CA ILE B 18 -6.80 5.10 4.06
C ILE B 18 -7.85 6.09 3.63
N TYR B 19 -8.01 6.30 2.30
CA TYR B 19 -8.97 7.26 1.77
C TYR B 19 -9.70 6.74 0.53
N ASN B 20 -11.02 6.93 0.49
CA ASN B 20 -11.78 6.55 -0.70
C ASN B 20 -12.10 7.71 -1.62
N ILE B 21 -11.48 7.74 -2.80
CA ILE B 21 -11.66 8.88 -3.71
C ILE B 21 -12.44 8.55 -4.96
N SER B 22 -13.62 9.15 -5.06
CA SER B 22 -14.40 9.04 -6.28
C SER B 22 -13.85 10.05 -7.25
N ALA B 23 -14.09 9.75 -8.52
CA ALA B 23 -13.70 10.56 -9.65
C ALA B 23 -14.38 11.91 -9.52
N GLY B 24 -13.59 12.97 -9.61
CA GLY B 24 -14.13 14.32 -9.42
C GLY B 24 -13.88 14.85 -8.03
N ALA B 25 -13.51 13.97 -7.11
CA ALA B 25 -13.35 14.35 -5.70
C ALA B 25 -11.94 14.75 -5.29
N SER B 26 -11.86 15.40 -4.14
CA SER B 26 -10.64 15.84 -3.47
C SER B 26 -10.66 15.38 -2.00
N VAL B 27 -9.52 14.93 -1.44
CA VAL B 27 -9.48 14.54 -0.02
C VAL B 27 -8.37 15.21 0.80
N ASP B 28 -8.68 15.65 2.02
CA ASP B 28 -7.68 16.27 2.93
C ASP B 28 -6.99 15.22 3.81
N LEU B 29 -5.66 15.17 3.78
CA LEU B 29 -4.93 14.17 4.58
C LEU B 29 -4.93 14.53 6.07
N ALA B 30 -5.38 13.59 6.92
CA ALA B 30 -5.30 13.74 8.37
C ALA B 30 -3.82 13.64 8.80
N ALA B 31 -2.96 13.16 7.91
CA ALA B 31 -1.51 13.18 8.16
C ALA B 31 -0.76 13.62 6.89
N PRO B 32 -0.44 14.95 6.78
CA PRO B 32 0.24 15.38 5.57
C PRO B 32 1.43 14.50 5.18
N VAL B 33 1.65 14.36 3.87
CA VAL B 33 2.81 13.63 3.31
C VAL B 33 4.02 14.57 3.11
N THR B 34 5.18 14.12 3.57
CA THR B 34 6.39 14.93 3.56
C THR B 34 7.54 14.05 3.08
N THR B 35 8.78 14.57 3.09
CA THR B 35 9.97 13.79 2.69
C THR B 35 10.05 12.51 3.48
N GLY B 36 10.26 11.42 2.76
CA GLY B 36 10.31 10.12 3.39
C GLY B 36 8.98 9.37 3.33
N ASP B 37 7.87 10.11 3.10
CA ASP B 37 6.50 9.52 3.09
C ASP B 37 6.05 8.95 1.74
N ILE B 38 4.88 8.32 1.71
CA ILE B 38 4.43 7.54 0.56
C ILE B 38 2.92 7.67 0.39
N VAL B 39 2.48 7.90 -0.84
CA VAL B 39 1.10 7.59 -1.22
C VAL B 39 1.02 6.44 -2.23
N THR B 40 0.00 5.60 -2.09
CA THR B 40 -0.31 4.66 -3.13
C THR B 40 -1.79 4.77 -3.50
N PHE B 41 -2.08 4.87 -4.79
CA PHE B 41 -3.46 4.88 -5.23
C PHE B 41 -3.75 3.50 -5.77
N PHE B 42 -4.88 2.89 -5.37
CA PHE B 42 -5.27 1.54 -5.83
C PHE B 42 -6.51 1.60 -6.73
N SER B 43 -6.37 1.19 -7.97
CA SER B 43 -7.53 1.05 -8.86
C SER B 43 -7.95 -0.41 -8.94
N SER B 44 -9.25 -0.67 -8.73
CA SER B 44 -9.77 -2.02 -8.83
C SER B 44 -10.23 -2.28 -10.26
N ALA B 45 -9.78 -1.41 -11.19
CA ALA B 45 -10.08 -1.51 -12.61
C ALA B 45 -8.85 -1.02 -13.41
N LEU B 46 -8.72 -1.48 -14.66
CA LEU B 46 -7.74 -0.90 -15.58
C LEU B 46 -8.32 -0.91 -17.01
N ASN B 47 -8.90 0.24 -17.43
CA ASN B 47 -9.61 0.37 -18.74
C ASN B 47 -8.71 1.03 -19.81
N LEU B 48 -7.78 0.30 -20.41
CA LEU B 48 -6.85 0.96 -21.34
C LEU B 48 -7.40 1.21 -22.78
N SER B 49 -8.73 1.11 -22.91
CA SER B 49 -9.46 1.42 -24.16
C SER B 49 -10.70 2.25 -23.84
N ALA B 50 -10.60 3.09 -22.83
CA ALA B 50 -11.73 3.91 -22.44
C ALA B 50 -11.82 5.26 -23.16
N GLY B 51 -10.73 5.67 -23.81
CA GLY B 51 -10.55 7.07 -24.29
C GLY B 51 -11.49 7.50 -25.41
N ALA B 52 -11.33 8.71 -25.95
CA ALA B 52 -10.33 9.72 -25.53
C ALA B 52 -10.70 10.47 -24.23
N GLY B 53 -9.70 11.05 -23.55
CA GLY B 53 -9.90 12.07 -22.48
C GLY B 53 -10.01 13.49 -23.03
N SER B 54 -10.20 14.51 -22.16
CA SER B 54 -10.26 15.99 -22.56
C SER B 54 -9.27 16.97 -21.88
N PRO B 55 -7.96 16.72 -21.99
CA PRO B 55 -7.30 15.59 -22.66
C PRO B 55 -7.10 14.38 -21.71
N ASN B 56 -7.26 14.61 -20.40
CA ASN B 56 -6.86 13.58 -19.40
C ASN B 56 -7.90 12.45 -19.16
N ASN B 57 -7.64 11.22 -19.62
CA ASN B 57 -8.57 10.14 -19.23
C ASN B 57 -8.67 10.16 -17.70
N THR B 58 -7.53 10.22 -17.02
CA THR B 58 -7.43 10.11 -15.57
C THR B 58 -6.30 10.99 -15.04
N ALA B 59 -6.52 11.66 -13.92
CA ALA B 59 -5.47 12.45 -13.29
C ALA B 59 -5.39 12.11 -11.79
N LEU B 60 -4.18 12.02 -11.26
CA LEU B 60 -3.95 11.90 -9.82
C LEU B 60 -2.98 13.02 -9.34
N ASN B 61 -3.36 13.69 -8.25
CA ASN B 61 -2.82 14.96 -7.81
C ASN B 61 -2.45 14.98 -6.35
N LEU B 62 -1.27 15.54 -6.07
CA LEU B 62 -0.70 15.70 -4.73
C LEU B 62 -0.54 17.19 -4.43
N LEU B 63 -1.38 17.70 -3.55
CA LEU B 63 -1.51 19.16 -3.36
C LEU B 63 -1.01 19.69 -2.00
N SER B 64 -1.08 21.01 -1.87
CA SER B 64 -0.77 21.72 -0.64
C SER B 64 -2.06 22.32 -0.09
N GLU B 65 -2.00 22.79 1.16
N GLU B 65 -1.99 22.81 1.17
CA GLU B 65 -3.10 23.50 1.81
CA GLU B 65 -3.12 23.52 1.81
C GLU B 65 -3.51 24.76 1.04
C GLU B 65 -3.51 24.72 0.97
N ASN B 66 -2.49 25.46 0.51
CA ASN B 66 -2.66 26.63 -0.38
C ASN B 66 -3.09 26.20 -1.76
N GLY B 67 -3.07 24.89 -2.01
CA GLY B 67 -3.63 24.33 -3.22
C GLY B 67 -2.75 24.41 -4.44
N ALA B 68 -1.44 24.37 -4.22
CA ALA B 68 -0.47 24.15 -5.29
C ALA B 68 -0.51 22.68 -5.73
N TYR B 69 -0.51 22.41 -7.04
CA TYR B 69 -0.37 21.03 -7.54
C TYR B 69 1.08 20.67 -7.48
N LEU B 70 1.47 19.96 -6.44
CA LEU B 70 2.90 19.68 -6.22
C LEU B 70 3.30 18.57 -7.21
N LEU B 71 2.39 17.65 -7.44
CA LEU B 71 2.50 16.62 -8.48
C LEU B 71 1.15 16.26 -9.08
N HIS B 72 1.05 16.52 -10.39
CA HIS B 72 -0.07 16.15 -11.24
C HIS B 72 0.41 15.03 -12.17
N ILE B 73 -0.35 13.95 -12.19
CA ILE B 73 -0.05 12.78 -13.03
C ILE B 73 -1.32 12.59 -13.83
N ALA B 74 -1.24 12.79 -15.15
CA ALA B 74 -2.37 12.66 -16.03
C ALA B 74 -2.09 11.50 -16.97
N PHE B 75 -3.12 10.70 -17.24
CA PHE B 75 -3.06 9.61 -18.26
C PHE B 75 -3.87 10.03 -19.47
N ARG B 76 -3.23 10.09 -20.63
CA ARG B 76 -3.89 10.47 -21.90
C ARG B 76 -3.84 9.36 -22.96
N LEU B 77 -4.93 8.62 -23.13
CA LEU B 77 -4.87 7.47 -24.06
C LEU B 77 -4.70 7.89 -25.52
N GLN B 78 -5.45 8.89 -25.94
CA GLN B 78 -5.40 9.40 -27.33
C GLN B 78 -3.99 9.89 -27.75
N GLU B 79 -3.44 10.90 -27.07
CA GLU B 79 -2.03 11.28 -27.29
C GLU B 79 -1.07 10.17 -26.85
N ASN B 80 -1.56 9.15 -26.13
CA ASN B 80 -0.73 8.00 -25.70
C ASN B 80 0.54 8.39 -24.88
N VAL B 81 0.26 9.13 -23.81
CA VAL B 81 1.29 9.70 -22.92
CA VAL B 81 1.30 9.67 -22.91
C VAL B 81 0.80 9.83 -21.45
N ILE B 82 1.73 9.77 -20.51
CA ILE B 82 1.50 10.15 -19.10
C ILE B 82 2.25 11.48 -18.91
N VAL B 83 1.51 12.49 -18.51
CA VAL B 83 2.00 13.85 -18.28
C VAL B 83 2.26 14.03 -16.77
N PHE B 84 3.43 14.59 -16.45
CA PHE B 84 3.78 14.96 -15.06
C PHE B 84 4.07 16.47 -15.03
N ASN B 85 3.22 17.21 -14.32
CA ASN B 85 3.36 18.66 -14.23
C ASN B 85 2.95 19.17 -12.84
N SER B 86 3.16 20.47 -12.58
CA SER B 86 2.74 21.12 -11.32
C SER B 86 2.25 22.54 -11.66
N ARG B 87 1.35 23.10 -10.85
CA ARG B 87 0.99 24.52 -10.98
C ARG B 87 0.62 25.17 -9.64
N GLN B 88 0.75 26.51 -9.56
CA GLN B 88 0.32 27.23 -8.38
C GLN B 88 -1.22 27.45 -8.42
N PRO B 89 -1.84 27.76 -7.26
CA PRO B 89 -3.29 28.09 -7.25
C PRO B 89 -3.63 29.20 -8.24
N ASN B 90 -4.67 29.01 -9.05
CA ASN B 90 -5.10 30.01 -10.04
C ASN B 90 -3.97 30.59 -10.87
N ALA B 91 -3.08 29.72 -11.34
CA ALA B 91 -1.94 30.09 -12.18
C ALA B 91 -1.84 29.09 -13.35
N PRO B 92 -0.97 29.37 -14.35
CA PRO B 92 -0.62 28.40 -15.40
C PRO B 92 0.35 27.23 -15.02
N TRP B 93 0.25 26.13 -15.78
CA TRP B 93 1.12 24.96 -15.62
C TRP B 93 2.58 25.25 -15.84
N LEU B 94 3.44 24.50 -15.16
CA LEU B 94 4.89 24.62 -15.33
C LEU B 94 5.48 23.74 -16.48
N VAL B 95 6.75 23.33 -16.39
CA VAL B 95 7.39 22.55 -17.46
C VAL B 95 6.83 21.09 -17.46
N GLU B 96 6.01 20.76 -18.46
CA GLU B 96 5.49 19.35 -18.58
C GLU B 96 6.61 18.37 -18.78
N GLN B 97 6.47 17.20 -18.17
CA GLN B 97 7.31 16.06 -18.53
C GLN B 97 6.41 14.99 -19.04
N ARG B 98 6.82 14.35 -20.14
CA ARG B 98 5.95 13.36 -20.79
C ARG B 98 6.59 11.99 -20.96
N VAL B 99 5.92 10.96 -20.44
CA VAL B 99 6.35 9.59 -20.66
C VAL B 99 5.55 8.93 -21.77
N SER B 100 6.22 8.53 -22.84
CA SER B 100 5.51 7.93 -23.98
C SER B 100 5.02 6.53 -23.70
N ASN B 101 3.80 6.22 -24.18
CA ASN B 101 3.30 4.85 -24.37
C ASN B 101 2.57 4.28 -23.18
N VAL B 102 1.28 4.56 -23.03
CA VAL B 102 0.59 4.27 -21.76
C VAL B 102 0.57 2.77 -21.37
N ALA B 103 0.08 1.89 -22.25
CA ALA B 103 -0.02 0.46 -21.85
C ALA B 103 1.35 -0.22 -21.52
N ASN B 104 2.45 0.30 -22.09
CA ASN B 104 3.81 -0.15 -21.71
C ASN B 104 4.29 0.27 -20.31
N GLN B 105 3.47 1.02 -19.61
CA GLN B 105 3.79 1.39 -18.24
C GLN B 105 3.04 0.45 -17.31
N PHE B 106 2.16 -0.37 -17.87
CA PHE B 106 1.34 -1.31 -17.09
C PHE B 106 1.64 -2.73 -17.58
N ILE B 107 2.93 -3.08 -17.72
CA ILE B 107 3.26 -4.45 -18.22
C ILE B 107 2.79 -5.53 -17.22
N GLY B 108 2.07 -6.56 -17.69
CA GLY B 108 1.51 -7.55 -16.76
C GLY B 108 0.79 -6.92 -15.57
N SER B 109 -0.05 -5.93 -15.88
CA SER B 109 -0.97 -5.35 -14.93
C SER B 109 -2.22 -6.23 -14.75
N GLY B 110 -2.91 -6.60 -15.84
CA GLY B 110 -4.13 -7.42 -15.63
C GLY B 110 -5.34 -6.54 -15.45
N GLY B 111 -6.17 -6.77 -14.45
CA GLY B 111 -7.42 -5.99 -14.33
C GLY B 111 -7.50 -5.01 -13.16
N LYS B 112 -6.33 -4.56 -12.69
CA LYS B 112 -6.22 -3.59 -11.59
C LYS B 112 -4.84 -2.92 -11.73
N ALA B 113 -4.60 -1.86 -10.96
CA ALA B 113 -3.33 -1.15 -11.01
C ALA B 113 -3.12 -0.39 -9.74
N MET B 114 -1.87 -0.13 -9.47
CA MET B 114 -1.57 0.79 -8.42
C MET B 114 -0.56 1.80 -8.88
N VAL B 115 -0.64 3.00 -8.29
CA VAL B 115 0.33 4.05 -8.63
C VAL B 115 0.89 4.55 -7.32
N THR B 116 2.20 4.49 -7.19
CA THR B 116 2.87 4.88 -5.94
C THR B 116 3.67 6.16 -6.19
N VAL B 117 3.56 7.10 -5.25
CA VAL B 117 4.40 8.26 -5.28
C VAL B 117 5.29 8.20 -4.03
N PHE B 118 6.61 8.33 -4.22
CA PHE B 118 7.48 8.58 -3.08
C PHE B 118 7.85 10.07 -3.01
N ASP B 119 7.73 10.67 -1.82
CA ASP B 119 8.25 12.01 -1.61
C ASP B 119 9.71 11.89 -1.15
N HIS B 120 10.65 12.01 -2.10
CA HIS B 120 12.10 11.94 -1.80
C HIS B 120 12.77 13.28 -1.57
N GLY B 121 12.00 14.34 -1.37
CA GLY B 121 12.58 15.65 -1.05
C GLY B 121 12.90 16.51 -2.27
N ASP B 122 13.88 16.07 -3.06
CA ASP B 122 14.30 16.72 -4.31
C ASP B 122 13.43 16.28 -5.49
N LYS B 123 13.11 14.97 -5.55
CA LYS B 123 12.27 14.36 -6.59
C LYS B 123 11.10 13.50 -6.04
N TYR B 124 9.95 13.55 -6.74
CA TYR B 124 8.88 12.56 -6.57
C TYR B 124 9.21 11.36 -7.43
N GLN B 125 9.28 10.16 -6.84
CA GLN B 125 9.49 8.92 -7.61
C GLN B 125 8.16 8.18 -7.83
N VAL B 126 7.72 8.18 -9.08
CA VAL B 126 6.43 7.58 -9.45
C VAL B 126 6.66 6.17 -9.98
N VAL B 127 5.90 5.24 -9.39
CA VAL B 127 5.96 3.81 -9.75
C VAL B 127 4.59 3.28 -10.09
N ILE B 128 4.43 2.79 -11.33
CA ILE B 128 3.16 2.18 -11.72
C ILE B 128 3.34 0.68 -11.45
N ASN B 129 2.48 0.10 -10.60
CA ASN B 129 2.66 -1.28 -10.15
C ASN B 129 4.05 -1.49 -9.57
N GLU B 130 4.89 -2.21 -10.29
CA GLU B 130 6.27 -2.41 -9.87
C GLU B 130 7.31 -1.60 -10.66
N LYS B 131 6.89 -0.95 -11.75
CA LYS B 131 7.84 -0.24 -12.65
C LYS B 131 7.96 1.23 -12.29
N THR B 132 9.15 1.71 -11.96
CA THR B 132 9.33 3.16 -11.89
C THR B 132 9.06 3.75 -13.30
N VAL B 133 8.36 4.88 -13.37
CA VAL B 133 8.08 5.55 -14.65
CA VAL B 133 8.04 5.54 -14.64
C VAL B 133 8.78 6.89 -14.78
N ILE B 134 9.02 7.56 -13.65
CA ILE B 134 9.72 8.84 -13.70
C ILE B 134 10.30 9.12 -12.31
N GLN B 135 11.52 9.67 -12.27
CA GLN B 135 12.00 10.43 -11.12
C GLN B 135 11.73 11.86 -11.51
N TYR B 136 10.95 12.60 -10.71
CA TYR B 136 10.41 13.90 -11.12
C TYR B 136 10.89 15.08 -10.29
N THR B 137 11.73 15.94 -10.89
CA THR B 137 12.32 17.02 -10.11
C THR B 137 11.23 17.99 -9.72
N LYS B 138 10.99 18.10 -8.42
CA LYS B 138 9.97 19.01 -7.92
C LYS B 138 9.99 20.42 -8.54
N GLN B 139 8.85 20.88 -9.05
CA GLN B 139 8.73 22.26 -9.57
C GLN B 139 8.01 23.18 -8.57
N ILE B 140 7.35 22.59 -7.58
CA ILE B 140 6.76 23.31 -6.45
C ILE B 140 7.06 22.43 -5.24
N SER B 141 7.59 23.02 -4.17
CA SER B 141 8.11 22.24 -3.00
C SER B 141 7.21 22.10 -1.78
N GLY B 142 7.69 21.33 -0.79
CA GLY B 142 7.03 21.23 0.48
C GLY B 142 6.34 19.90 0.76
N THR B 143 5.55 19.91 1.84
CA THR B 143 4.73 18.77 2.20
C THR B 143 3.39 18.68 1.43
N THR B 144 3.03 17.45 1.06
CA THR B 144 1.70 17.14 0.50
C THR B 144 0.63 17.15 1.59
N SER B 145 -0.29 18.07 1.46
CA SER B 145 -1.35 18.20 2.46
C SER B 145 -2.71 17.67 1.97
N SER B 146 -2.85 17.46 0.65
CA SER B 146 -4.11 16.88 0.10
C SER B 146 -3.96 16.00 -1.21
N LEU B 147 -5.05 15.34 -1.67
CA LEU B 147 -5.08 14.39 -2.83
C LEU B 147 -6.37 14.55 -3.67
N SER B 148 -6.33 14.36 -5.01
CA SER B 148 -7.56 14.25 -5.86
C SER B 148 -7.48 13.29 -7.06
N TYR B 149 -8.65 12.87 -7.55
CA TYR B 149 -8.75 11.96 -8.66
C TYR B 149 -9.74 12.56 -9.66
N ASN B 150 -9.22 12.88 -10.85
CA ASN B 150 -10.02 13.48 -11.88
C ASN B 150 -10.06 12.54 -13.07
N SER B 151 -11.19 12.50 -13.76
CA SER B 151 -11.31 11.69 -14.94
C SER B 151 -12.18 12.42 -15.97
N THR B 152 -12.03 12.10 -17.26
CA THR B 152 -13.00 12.59 -18.22
C THR B 152 -14.16 11.60 -18.46
N GLU B 153 -15.34 12.19 -18.62
CA GLU B 153 -16.60 11.51 -18.90
C GLU B 153 -16.68 10.19 -18.17
N GLY B 154 -16.89 9.12 -18.95
CA GLY B 154 -16.63 7.78 -18.50
C GLY B 154 -15.53 7.22 -19.39
N THR B 155 -14.37 7.87 -19.39
CA THR B 155 -13.22 7.37 -20.16
C THR B 155 -11.97 7.09 -19.29
N SER B 156 -12.15 7.18 -17.96
CA SER B 156 -11.09 6.96 -16.98
C SER B 156 -10.48 5.58 -17.19
N ILE B 157 -9.17 5.49 -17.02
CA ILE B 157 -8.49 4.18 -17.11
C ILE B 157 -8.58 3.39 -15.79
N PHE B 158 -8.97 4.07 -14.71
CA PHE B 158 -9.14 3.40 -13.42
C PHE B 158 -10.60 3.16 -13.04
N SER B 159 -10.80 2.57 -11.87
CA SER B 159 -12.14 2.28 -11.33
C SER B 159 -12.82 3.56 -10.81
N THR B 160 -14.16 3.54 -10.67
CA THR B 160 -14.90 4.74 -10.24
C THR B 160 -14.29 5.41 -9.03
N VAL B 161 -13.90 4.58 -8.07
CA VAL B 161 -13.32 5.05 -6.84
C VAL B 161 -11.91 4.46 -6.74
N VAL B 162 -10.95 5.31 -6.46
CA VAL B 162 -9.57 4.90 -6.19
C VAL B 162 -9.36 4.90 -4.67
N GLU B 163 -8.66 3.92 -4.12
CA GLU B 163 -8.39 3.96 -2.68
C GLU B 163 -6.98 4.46 -2.48
N ALA B 164 -6.80 5.50 -1.67
CA ALA B 164 -5.46 6.04 -1.46
C ALA B 164 -4.94 5.66 -0.05
N VAL B 165 -3.76 5.06 -0.01
CA VAL B 165 -3.10 4.73 1.24
C VAL B 165 -1.86 5.55 1.43
N THR B 166 -1.83 6.29 2.52
CA THR B 166 -0.64 7.05 2.89
C THR B 166 0.11 6.34 4.01
N TYR B 167 1.44 6.32 3.87
CA TYR B 167 2.34 5.88 4.89
C TYR B 167 3.13 7.13 5.27
N THR B 168 2.94 7.57 6.52
CA THR B 168 3.57 8.81 7.04
C THR B 168 4.38 8.56 8.32
N GLY B 169 5.30 9.49 8.64
CA GLY B 169 6.21 9.34 9.78
C GLY B 169 7.27 8.27 9.56
N LEU B 170 7.94 8.33 8.43
CA LEU B 170 8.89 7.27 8.05
C LEU B 170 10.40 7.53 8.33
N ALA B 171 10.88 8.75 8.10
CA ALA B 171 12.33 9.05 8.32
C ALA B 171 12.72 9.33 9.77
#